data_6KLM
#
_entry.id   6KLM
#
_entity_poly.entity_id   1
_entity_poly.type   'polypeptide(L)'
_entity_poly.pdbx_seq_one_letter_code
;CVSSGIVDACSECCEPDKCIIMLPTWPPRYVCSV
;
_entity_poly.pdbx_strand_id   A
#
# COMPACT_ATOMS: atom_id res chain seq x y z
N CYS A 1 -1.07 12.16 -1.56
CA CYS A 1 -0.68 10.79 -2.00
C CYS A 1 -0.07 9.99 -0.86
N VAL A 2 -0.06 8.67 -1.00
CA VAL A 2 0.48 7.76 0.02
C VAL A 2 1.61 6.94 -0.60
N SER A 3 2.79 7.56 -0.70
CA SER A 3 3.99 6.94 -1.28
C SER A 3 4.47 5.73 -0.47
N SER A 4 4.49 5.86 0.86
CA SER A 4 4.94 4.78 1.75
C SER A 4 4.03 4.67 2.97
N GLY A 5 3.89 3.45 3.48
CA GLY A 5 3.05 3.19 4.64
C GLY A 5 1.93 2.22 4.33
N ILE A 6 0.76 2.46 4.92
CA ILE A 6 -0.42 1.61 4.72
C ILE A 6 -1.36 2.24 3.70
N VAL A 7 -2.05 1.39 2.93
CA VAL A 7 -3.01 1.84 1.94
C VAL A 7 -4.20 0.89 1.87
N ASP A 8 -5.39 1.47 1.80
CA ASP A 8 -6.64 0.71 1.70
C ASP A 8 -7.10 0.69 0.25
N ALA A 9 -6.22 1.18 -0.64
CA ALA A 9 -6.48 1.26 -2.08
C ALA A 9 -5.24 0.89 -2.90
N CYS A 10 -5.19 1.37 -4.16
CA CYS A 10 -4.09 1.10 -5.09
C CYS A 10 -4.01 2.22 -6.12
N SER A 11 -5.19 2.70 -6.56
CA SER A 11 -5.29 3.80 -7.54
C SER A 11 -5.08 5.15 -6.85
N GLU A 12 -5.21 5.16 -5.52
CA GLU A 12 -5.02 6.37 -4.70
C GLU A 12 -3.55 6.50 -4.28
N CYS A 13 -2.86 5.35 -4.14
CA CYS A 13 -1.44 5.32 -3.76
C CYS A 13 -0.57 5.83 -4.93
N CYS A 14 0.68 6.20 -4.61
CA CYS A 14 1.63 6.72 -5.62
C CYS A 14 2.23 5.57 -6.47
N GLU A 15 1.73 4.35 -6.24
CA GLU A 15 2.18 3.16 -6.96
C GLU A 15 1.27 2.89 -8.19
N PRO A 16 1.72 3.27 -9.43
CA PRO A 16 0.92 3.04 -10.66
C PRO A 16 0.96 1.58 -11.14
N ASP A 17 -0.20 0.91 -11.05
CA ASP A 17 -0.38 -0.51 -11.48
C ASP A 17 0.56 -1.51 -10.76
N LYS A 18 1.25 -1.04 -9.70
CA LYS A 18 2.17 -1.88 -8.94
C LYS A 18 1.96 -1.69 -7.43
N CYS A 19 0.94 -2.38 -6.90
CA CYS A 19 0.62 -2.32 -5.48
C CYS A 19 0.84 -3.68 -4.81
N ILE A 20 1.12 -3.66 -3.50
CA ILE A 20 1.35 -4.87 -2.73
C ILE A 20 0.08 -5.22 -1.95
N ILE A 21 -0.08 -6.51 -1.64
CA ILE A 21 -1.26 -7.01 -0.92
C ILE A 21 -1.02 -7.02 0.60
N MET A 22 -2.11 -7.17 1.37
CA MET A 22 -2.10 -7.21 2.84
C MET A 22 -1.05 -8.19 3.39
N LEU A 23 -0.12 -7.67 4.22
CA LEU A 23 0.95 -8.48 4.81
C LEU A 23 1.47 -7.91 6.15
N PRO A 24 1.87 -6.59 6.25
CA PRO A 24 2.43 -6.03 7.49
C PRO A 24 1.43 -5.92 8.64
N THR A 25 1.94 -5.58 9.84
CA THR A 25 1.14 -5.42 11.09
C THR A 25 0.30 -6.66 11.42
N TRP A 26 -0.29 -6.68 12.63
CA TRP A 26 -1.15 -7.81 13.09
C TRP A 26 -2.34 -8.06 12.14
N PRO A 27 -3.12 -7.00 11.72
CA PRO A 27 -4.25 -7.17 10.80
C PRO A 27 -3.80 -7.12 9.32
N PRO A 28 -4.66 -7.55 8.33
CA PRO A 28 -4.28 -7.52 6.91
C PRO A 28 -4.35 -6.10 6.31
N ARG A 29 -3.19 -5.58 5.89
CA ARG A 29 -3.08 -4.23 5.31
C ARG A 29 -2.07 -4.20 4.17
N TYR A 30 -2.41 -3.41 3.12
CA TYR A 30 -1.56 -3.26 1.92
C TYR A 30 -0.29 -2.44 2.24
N VAL A 31 0.66 -2.39 1.29
CA VAL A 31 1.90 -1.63 1.50
C VAL A 31 2.30 -0.87 0.23
N CYS A 32 2.85 0.33 0.44
CA CYS A 32 3.33 1.18 -0.64
C CYS A 32 4.78 1.58 -0.37
N SER A 33 5.64 1.42 -1.38
CA SER A 33 7.07 1.74 -1.24
C SER A 33 7.55 2.71 -2.32
N VAL A 34 6.60 3.34 -3.00
CA VAL A 34 6.89 4.30 -4.06
C VAL A 34 6.14 5.62 -3.79
N CYS A 1 1.45 11.40 -3.56
CA CYS A 1 0.22 11.22 -2.75
C CYS A 1 0.52 10.39 -1.49
N VAL A 2 0.78 9.09 -1.67
CA VAL A 2 1.10 8.19 -0.55
C VAL A 2 2.36 7.40 -0.92
N SER A 3 3.52 8.01 -0.65
CA SER A 3 4.83 7.42 -0.94
C SER A 3 5.10 6.16 -0.10
N SER A 4 4.84 6.25 1.21
CA SER A 4 5.06 5.12 2.13
C SER A 4 4.00 5.09 3.23
N GLY A 5 3.75 3.89 3.77
CA GLY A 5 2.77 3.72 4.83
C GLY A 5 1.70 2.70 4.47
N ILE A 6 0.56 2.78 5.16
CA ILE A 6 -0.55 1.87 4.92
C ILE A 6 -1.63 2.56 4.08
N VAL A 7 -2.30 1.77 3.25
CA VAL A 7 -3.36 2.27 2.37
C VAL A 7 -4.53 1.28 2.31
N ASP A 8 -5.75 1.82 2.28
CA ASP A 8 -6.96 1.00 2.18
C ASP A 8 -7.33 0.79 0.71
N ALA A 9 -6.39 1.18 -0.18
CA ALA A 9 -6.56 1.09 -1.62
C ALA A 9 -5.25 0.65 -2.31
N CYS A 10 -5.13 0.94 -3.61
CA CYS A 10 -3.96 0.59 -4.42
C CYS A 10 -3.89 1.50 -5.66
N SER A 11 -5.08 1.82 -6.19
CA SER A 11 -5.22 2.69 -7.36
C SER A 11 -5.19 4.18 -6.94
N GLU A 12 -5.51 4.43 -5.67
CA GLU A 12 -5.50 5.79 -5.11
C GLU A 12 -4.08 6.19 -4.70
N CYS A 13 -3.26 5.20 -4.34
CA CYS A 13 -1.85 5.42 -3.97
C CYS A 13 -1.00 5.68 -5.21
N CYS A 14 0.20 6.22 -5.00
CA CYS A 14 1.12 6.55 -6.10
C CYS A 14 1.98 5.34 -6.49
N GLU A 15 1.44 4.14 -6.26
CA GLU A 15 2.11 2.89 -6.57
C GLU A 15 1.27 2.07 -7.58
N PRO A 16 1.45 2.28 -8.92
CA PRO A 16 0.70 1.54 -9.96
C PRO A 16 1.26 0.14 -10.23
N ASP A 17 2.59 0.00 -10.18
CA ASP A 17 3.26 -1.28 -10.43
C ASP A 17 3.86 -1.88 -9.17
N LYS A 18 4.45 -1.02 -8.31
CA LYS A 18 5.08 -1.46 -7.07
C LYS A 18 4.08 -1.47 -5.90
N CYS A 19 2.82 -1.83 -6.21
CA CYS A 19 1.75 -1.90 -5.21
C CYS A 19 1.66 -3.32 -4.63
N ILE A 20 1.71 -3.43 -3.31
CA ILE A 20 1.63 -4.73 -2.64
C ILE A 20 0.29 -4.87 -1.92
N ILE A 21 -0.15 -6.12 -1.75
CA ILE A 21 -1.42 -6.44 -1.10
C ILE A 21 -1.24 -6.57 0.42
N MET A 22 -2.37 -6.61 1.14
CA MET A 22 -2.38 -6.73 2.62
C MET A 22 -1.54 -7.92 3.12
N LEU A 23 -0.45 -7.59 3.82
CA LEU A 23 0.47 -8.61 4.34
C LEU A 23 1.11 -8.20 5.69
N PRO A 24 1.77 -7.00 5.82
CA PRO A 24 2.44 -6.59 7.07
C PRO A 24 1.49 -6.51 8.28
N THR A 25 2.09 -6.34 9.48
CA THR A 25 1.36 -6.25 10.78
C THR A 25 0.42 -7.45 11.02
N TRP A 26 -0.13 -7.55 12.24
CA TRP A 26 -1.05 -8.64 12.61
C TRP A 26 -2.30 -8.68 11.69
N PRO A 27 -3.01 -7.53 11.44
CA PRO A 27 -4.19 -7.50 10.55
C PRO A 27 -3.79 -7.28 9.08
N PRO A 28 -4.73 -7.50 8.09
CA PRO A 28 -4.43 -7.29 6.67
C PRO A 28 -4.37 -5.80 6.29
N ARG A 29 -3.19 -5.35 5.81
CA ARG A 29 -2.97 -3.95 5.43
C ARG A 29 -2.05 -3.85 4.21
N TYR A 30 -2.44 -2.98 3.24
CA TYR A 30 -1.66 -2.73 2.02
C TYR A 30 -0.40 -1.91 2.33
N VAL A 31 0.56 -1.86 1.39
CA VAL A 31 1.79 -1.10 1.58
C VAL A 31 2.26 -0.45 0.28
N CYS A 32 2.70 0.81 0.39
CA CYS A 32 3.20 1.57 -0.76
C CYS A 32 4.70 1.81 -0.61
N SER A 33 5.47 1.35 -1.60
CA SER A 33 6.94 1.49 -1.58
C SER A 33 7.42 2.62 -2.49
N VAL A 34 6.48 3.51 -2.85
CA VAL A 34 6.70 4.69 -3.72
C VAL A 34 7.44 4.35 -5.04
N CYS A 1 1.56 11.36 -3.73
CA CYS A 1 0.29 10.89 -3.08
C CYS A 1 0.57 10.22 -1.73
N VAL A 2 0.93 8.93 -1.75
CA VAL A 2 1.23 8.16 -0.55
C VAL A 2 2.47 7.30 -0.82
N SER A 3 3.64 7.88 -0.57
CA SER A 3 4.93 7.22 -0.79
C SER A 3 5.25 6.17 0.29
N SER A 4 5.00 6.51 1.55
CA SER A 4 5.27 5.61 2.68
C SER A 4 4.10 5.58 3.67
N GLY A 5 3.68 4.35 4.02
CA GLY A 5 2.59 4.17 4.97
C GLY A 5 1.56 3.16 4.51
N ILE A 6 0.47 3.04 5.28
CA ILE A 6 -0.62 2.10 4.95
C ILE A 6 -1.68 2.80 4.11
N VAL A 7 -2.29 2.04 3.21
CA VAL A 7 -3.33 2.55 2.32
C VAL A 7 -4.53 1.62 2.28
N ASP A 8 -5.73 2.21 2.24
CA ASP A 8 -6.98 1.46 2.16
C ASP A 8 -7.39 1.29 0.68
N ALA A 9 -6.45 1.63 -0.21
CA ALA A 9 -6.65 1.56 -1.66
C ALA A 9 -5.43 0.93 -2.35
N CYS A 10 -5.31 1.15 -3.67
CA CYS A 10 -4.21 0.61 -4.49
C CYS A 10 -4.00 1.47 -5.73
N SER A 11 -5.11 1.92 -6.33
CA SER A 11 -5.08 2.78 -7.52
C SER A 11 -4.99 4.26 -7.14
N GLU A 12 -5.29 4.55 -5.85
CA GLU A 12 -5.23 5.92 -5.32
C GLU A 12 -3.82 6.25 -4.82
N CYS A 13 -3.09 5.21 -4.38
CA CYS A 13 -1.70 5.38 -3.89
C CYS A 13 -0.74 5.57 -5.07
N CYS A 14 0.53 5.90 -4.76
CA CYS A 14 1.56 6.14 -5.80
C CYS A 14 2.10 4.82 -6.41
N GLU A 15 1.57 3.68 -5.93
CA GLU A 15 1.98 2.37 -6.42
C GLU A 15 0.87 1.72 -7.27
N PRO A 16 0.80 2.03 -8.61
CA PRO A 16 -0.22 1.46 -9.51
C PRO A 16 0.13 0.05 -9.98
N ASP A 17 -0.86 -0.88 -9.87
CA ASP A 17 -0.72 -2.30 -10.27
C ASP A 17 0.33 -3.06 -9.43
N LYS A 18 0.89 -2.40 -8.41
CA LYS A 18 1.90 -3.00 -7.53
C LYS A 18 1.63 -2.61 -6.07
N CYS A 19 0.76 -3.39 -5.42
CA CYS A 19 0.39 -3.16 -4.03
C CYS A 19 0.63 -4.41 -3.19
N ILE A 20 1.29 -4.22 -2.04
CA ILE A 20 1.59 -5.33 -1.11
C ILE A 20 0.52 -5.40 -0.02
N ILE A 21 0.33 -6.59 0.54
CA ILE A 21 -0.67 -6.80 1.60
C ILE A 21 0.01 -6.85 2.98
N MET A 22 -0.20 -5.76 3.76
CA MET A 22 0.34 -5.57 5.14
C MET A 22 1.85 -5.85 5.28
N LEU A 23 2.50 -5.14 6.22
CA LEU A 23 3.92 -5.32 6.50
C LEU A 23 4.24 -5.11 8.00
N PRO A 24 3.95 -3.90 8.61
CA PRO A 24 4.27 -3.67 10.01
C PRO A 24 3.16 -4.07 10.99
N THR A 25 2.28 -4.95 10.52
CA THR A 25 1.14 -5.43 11.30
C THR A 25 0.80 -6.88 10.94
N TRP A 26 0.00 -7.54 11.81
CA TRP A 26 -0.41 -8.94 11.59
C TRP A 26 -1.66 -9.10 10.69
N PRO A 27 -2.75 -8.27 10.83
CA PRO A 27 -3.97 -8.41 9.98
C PRO A 27 -3.74 -7.92 8.54
N PRO A 28 -4.68 -8.20 7.56
CA PRO A 28 -4.52 -7.78 6.16
C PRO A 28 -4.61 -6.26 5.97
N ARG A 29 -3.56 -5.70 5.33
CA ARG A 29 -3.47 -4.26 5.06
C ARG A 29 -2.79 -4.03 3.70
N TYR A 30 -2.22 -2.83 3.49
CA TYR A 30 -1.55 -2.49 2.23
C TYR A 30 -0.33 -1.60 2.50
N VAL A 31 0.68 -1.73 1.63
CA VAL A 31 1.92 -0.95 1.77
C VAL A 31 2.27 -0.27 0.43
N CYS A 32 2.90 0.89 0.52
CA CYS A 32 3.32 1.65 -0.65
C CYS A 32 4.79 2.02 -0.56
N SER A 33 5.53 1.75 -1.65
CA SER A 33 6.97 2.03 -1.70
C SER A 33 7.35 2.90 -2.90
N VAL A 34 6.33 3.56 -3.47
CA VAL A 34 6.43 4.47 -4.64
C VAL A 34 7.22 3.84 -5.82
N CYS A 1 0.71 12.80 -2.55
CA CYS A 1 0.52 11.35 -2.74
C CYS A 1 0.98 10.57 -1.49
N VAL A 2 0.61 9.28 -1.42
CA VAL A 2 0.98 8.42 -0.30
C VAL A 2 2.13 7.49 -0.72
N SER A 3 3.31 8.10 -0.84
CA SER A 3 4.54 7.38 -1.24
C SER A 3 5.01 6.40 -0.17
N SER A 4 4.86 6.78 1.11
CA SER A 4 5.27 5.93 2.23
C SER A 4 4.18 5.83 3.29
N GLY A 5 3.91 4.61 3.74
CA GLY A 5 2.89 4.38 4.76
C GLY A 5 1.92 3.28 4.36
N ILE A 6 0.87 3.11 5.17
CA ILE A 6 -0.16 2.09 4.92
C ILE A 6 -1.35 2.70 4.18
N VAL A 7 -1.95 1.91 3.30
CA VAL A 7 -3.10 2.33 2.51
C VAL A 7 -4.12 1.19 2.38
N ASP A 8 -5.40 1.56 2.41
CA ASP A 8 -6.50 0.60 2.27
C ASP A 8 -6.87 0.45 0.78
N ALA A 9 -6.01 1.00 -0.08
CA ALA A 9 -6.21 0.97 -1.53
C ALA A 9 -4.88 0.73 -2.27
N CYS A 10 -4.89 0.92 -3.61
CA CYS A 10 -3.71 0.73 -4.46
C CYS A 10 -3.75 1.72 -5.63
N SER A 11 -4.95 1.89 -6.21
CA SER A 11 -5.15 2.82 -7.34
C SER A 11 -5.18 4.28 -6.85
N GLU A 12 -5.51 4.45 -5.56
CA GLU A 12 -5.55 5.78 -4.93
C GLU A 12 -4.18 6.15 -4.36
N CYS A 13 -3.39 5.12 -4.01
CA CYS A 13 -2.03 5.32 -3.48
C CYS A 13 -1.02 5.50 -4.61
N CYS A 14 0.25 5.78 -4.25
CA CYS A 14 1.33 5.98 -5.24
C CYS A 14 1.71 4.68 -5.96
N GLU A 15 1.28 3.54 -5.41
CA GLU A 15 1.56 2.23 -6.01
C GLU A 15 0.26 1.57 -6.50
N PRO A 16 -0.11 1.76 -7.82
CA PRO A 16 -1.33 1.17 -8.40
C PRO A 16 -1.21 -0.33 -8.70
N ASP A 17 -0.04 -0.74 -9.19
CA ASP A 17 0.21 -2.15 -9.54
C ASP A 17 1.39 -2.72 -8.75
N LYS A 18 2.33 -1.85 -8.37
CA LYS A 18 3.52 -2.27 -7.61
C LYS A 18 3.27 -2.22 -6.08
N CYS A 19 1.99 -2.32 -5.69
CA CYS A 19 1.61 -2.29 -4.28
C CYS A 19 1.56 -3.71 -3.70
N ILE A 20 2.11 -3.87 -2.50
CA ILE A 20 2.14 -5.18 -1.80
C ILE A 20 0.92 -5.30 -0.88
N ILE A 21 0.50 -6.54 -0.62
CA ILE A 21 -0.66 -6.81 0.23
C ILE A 21 -0.20 -7.10 1.67
N MET A 22 -0.14 -6.02 2.49
CA MET A 22 0.26 -6.04 3.92
C MET A 22 1.53 -6.86 4.22
N LEU A 23 2.44 -6.27 5.01
CA LEU A 23 3.69 -6.94 5.39
C LEU A 23 3.97 -6.81 6.89
N PRO A 24 4.09 -5.57 7.48
CA PRO A 24 4.40 -5.41 8.91
C PRO A 24 3.15 -5.46 9.81
N THR A 25 2.10 -6.08 9.29
CA THR A 25 0.82 -6.20 10.01
C THR A 25 0.11 -7.51 9.66
N TRP A 26 -0.53 -8.11 10.68
CA TRP A 26 -1.26 -9.39 10.52
C TRP A 26 -2.58 -9.23 9.71
N PRO A 27 -3.48 -8.23 10.03
CA PRO A 27 -4.75 -8.04 9.29
C PRO A 27 -4.52 -7.49 7.85
N PRO A 28 -5.57 -7.50 6.96
CA PRO A 28 -5.44 -6.99 5.57
C PRO A 28 -5.02 -5.51 5.50
N ARG A 29 -3.85 -5.27 4.88
CA ARG A 29 -3.29 -3.92 4.72
C ARG A 29 -2.49 -3.82 3.41
N TYR A 30 -1.71 -2.73 3.26
CA TYR A 30 -0.90 -2.48 2.05
C TYR A 30 0.30 -1.60 2.38
N VAL A 31 1.36 -1.71 1.58
CA VAL A 31 2.58 -0.91 1.76
C VAL A 31 2.98 -0.24 0.44
N CYS A 32 3.02 1.10 0.45
CA CYS A 32 3.40 1.87 -0.72
C CYS A 32 4.85 2.34 -0.62
N SER A 33 5.61 2.15 -1.70
CA SER A 33 7.02 2.55 -1.74
C SER A 33 7.34 3.35 -3.01
N VAL A 34 6.26 3.80 -3.66
CA VAL A 34 6.30 4.60 -4.92
C VAL A 34 7.29 4.03 -5.98
N CYS A 1 1.02 12.60 -3.09
CA CYS A 1 0.21 11.38 -2.80
C CYS A 1 0.80 10.60 -1.61
N VAL A 2 0.19 9.45 -1.29
CA VAL A 2 0.62 8.60 -0.16
C VAL A 2 1.82 7.72 -0.60
N SER A 3 2.92 8.40 -0.94
CA SER A 3 4.16 7.74 -1.39
C SER A 3 4.71 6.71 -0.40
N SER A 4 4.61 7.04 0.90
CA SER A 4 5.09 6.14 1.95
C SER A 4 4.06 5.99 3.06
N GLY A 5 3.97 4.78 3.61
CA GLY A 5 3.03 4.49 4.69
C GLY A 5 2.09 3.35 4.36
N ILE A 6 1.04 3.19 5.16
CA ILE A 6 0.05 2.13 4.96
C ILE A 6 -1.18 2.68 4.23
N VAL A 7 -1.74 1.84 3.36
CA VAL A 7 -2.93 2.19 2.59
C VAL A 7 -3.89 1.01 2.49
N ASP A 8 -5.19 1.31 2.58
CA ASP A 8 -6.23 0.29 2.48
C ASP A 8 -6.67 0.13 1.02
N ALA A 9 -5.86 0.68 0.11
CA ALA A 9 -6.13 0.65 -1.33
C ALA A 9 -4.84 0.42 -2.14
N CYS A 10 -4.90 0.71 -3.45
CA CYS A 10 -3.77 0.54 -4.38
C CYS A 10 -3.89 1.56 -5.52
N SER A 11 -5.13 1.77 -5.98
CA SER A 11 -5.43 2.73 -7.06
C SER A 11 -5.42 4.16 -6.53
N GLU A 12 -5.63 4.29 -5.21
CA GLU A 12 -5.63 5.60 -4.53
C GLU A 12 -4.22 5.99 -4.13
N CYS A 13 -3.37 4.99 -3.86
CA CYS A 13 -1.96 5.22 -3.47
C CYS A 13 -1.11 5.45 -4.73
N CYS A 14 0.15 5.88 -4.54
CA CYS A 14 1.07 6.15 -5.66
C CYS A 14 1.54 4.86 -6.34
N GLU A 15 1.26 3.72 -5.68
CA GLU A 15 1.62 2.40 -6.20
C GLU A 15 0.36 1.64 -6.67
N PRO A 16 -0.08 1.86 -7.95
CA PRO A 16 -1.29 1.20 -8.50
C PRO A 16 -1.06 -0.23 -9.00
N ASP A 17 0.17 -0.55 -9.39
CA ASP A 17 0.50 -1.90 -9.91
C ASP A 17 1.53 -2.63 -9.05
N LYS A 18 2.54 -1.89 -8.56
CA LYS A 18 3.61 -2.47 -7.73
C LYS A 18 3.23 -2.52 -6.24
N CYS A 19 1.93 -2.40 -5.93
CA CYS A 19 1.44 -2.44 -4.55
C CYS A 19 1.37 -3.87 -4.01
N ILE A 20 1.90 -4.06 -2.80
CA ILE A 20 1.91 -5.38 -2.15
C ILE A 20 1.02 -5.38 -0.90
N ILE A 21 0.70 -6.59 -0.41
CA ILE A 21 -0.16 -6.78 0.77
C ILE A 21 0.57 -6.32 2.05
N MET A 22 -0.15 -6.34 3.20
CA MET A 22 0.39 -5.93 4.51
C MET A 22 1.69 -6.66 4.88
N LEU A 23 2.52 -6.01 5.71
CA LEU A 23 3.78 -6.59 6.16
C LEU A 23 4.03 -6.29 7.66
N PRO A 24 4.09 -4.99 8.11
CA PRO A 24 4.36 -4.66 9.52
C PRO A 24 3.11 -4.67 10.41
N THR A 25 2.09 -5.40 9.95
CA THR A 25 0.81 -5.51 10.66
C THR A 25 0.19 -6.90 10.45
N TRP A 26 -0.72 -7.28 11.36
CA TRP A 26 -1.39 -8.59 11.30
C TRP A 26 -2.64 -8.59 10.38
N PRO A 27 -3.57 -7.57 10.44
CA PRO A 27 -4.76 -7.54 9.56
C PRO A 27 -4.42 -7.15 8.11
N PRO A 28 -5.35 -7.40 7.12
CA PRO A 28 -5.11 -7.07 5.70
C PRO A 28 -4.88 -5.57 5.44
N ARG A 29 -3.65 -5.24 5.02
CA ARG A 29 -3.26 -3.86 4.72
C ARG A 29 -2.35 -3.83 3.47
N TYR A 30 -1.60 -2.72 3.28
CA TYR A 30 -0.71 -2.54 2.13
C TYR A 30 0.44 -1.60 2.48
N VAL A 31 1.53 -1.67 1.71
CA VAL A 31 2.71 -0.82 1.94
C VAL A 31 3.20 -0.23 0.62
N CYS A 32 3.17 1.12 0.53
CA CYS A 32 3.63 1.83 -0.66
C CYS A 32 5.09 2.28 -0.46
N SER A 33 6.01 1.57 -1.11
CA SER A 33 7.45 1.86 -1.00
C SER A 33 7.95 2.75 -2.14
N VAL A 34 7.01 3.40 -2.80
CA VAL A 34 7.30 4.30 -3.92
C VAL A 34 7.52 5.74 -3.45
N CYS A 1 -0.06 12.73 -1.55
CA CYS A 1 0.03 11.31 -1.98
C CYS A 1 0.46 10.42 -0.81
N VAL A 2 0.53 9.10 -1.06
CA VAL A 2 0.90 8.13 -0.04
C VAL A 2 2.09 7.28 -0.54
N SER A 3 3.29 7.83 -0.38
CA SER A 3 4.53 7.17 -0.80
C SER A 3 4.90 5.99 0.12
N SER A 4 4.73 6.18 1.44
CA SER A 4 5.04 5.14 2.41
C SER A 4 3.96 5.08 3.51
N GLY A 5 3.51 3.86 3.80
CA GLY A 5 2.49 3.65 4.82
C GLY A 5 1.43 2.66 4.39
N ILE A 6 0.25 2.74 5.02
CA ILE A 6 -0.86 1.83 4.72
C ILE A 6 -1.87 2.53 3.79
N VAL A 7 -2.52 1.72 2.97
CA VAL A 7 -3.54 2.22 2.02
C VAL A 7 -4.67 1.22 1.84
N ASP A 8 -5.89 1.74 1.70
CA ASP A 8 -7.08 0.90 1.49
C ASP A 8 -7.30 0.74 -0.02
N ALA A 9 -6.32 1.20 -0.81
CA ALA A 9 -6.36 1.14 -2.28
C ALA A 9 -4.95 0.95 -2.87
N CYS A 10 -4.81 1.21 -4.18
CA CYS A 10 -3.54 1.08 -4.90
C CYS A 10 -3.47 2.09 -6.04
N SER A 11 -4.62 2.27 -6.73
CA SER A 11 -4.74 3.22 -7.84
C SER A 11 -4.76 4.66 -7.32
N GLU A 12 -5.15 4.82 -6.05
CA GLU A 12 -5.20 6.12 -5.38
C GLU A 12 -3.88 6.42 -4.68
N CYS A 13 -3.12 5.34 -4.37
CA CYS A 13 -1.81 5.46 -3.71
C CYS A 13 -0.72 5.88 -4.71
N CYS A 14 0.48 6.16 -4.20
CA CYS A 14 1.63 6.59 -5.03
C CYS A 14 2.20 5.44 -5.87
N GLU A 15 1.79 4.21 -5.57
CA GLU A 15 2.26 3.02 -6.29
C GLU A 15 1.25 2.66 -7.41
N PRO A 16 1.72 2.45 -8.70
CA PRO A 16 0.82 2.10 -9.82
C PRO A 16 0.37 0.63 -9.82
N ASP A 17 1.35 -0.30 -9.89
CA ASP A 17 1.05 -1.75 -9.91
C ASP A 17 2.02 -2.55 -9.04
N LYS A 18 3.02 -1.88 -8.46
CA LYS A 18 4.02 -2.54 -7.61
C LYS A 18 3.55 -2.63 -6.14
N CYS A 19 2.23 -2.51 -5.93
CA CYS A 19 1.65 -2.55 -4.58
C CYS A 19 1.30 -3.99 -4.18
N ILE A 20 1.46 -4.27 -2.89
CA ILE A 20 1.14 -5.60 -2.34
C ILE A 20 -0.23 -5.55 -1.68
N ILE A 21 -0.91 -6.71 -1.65
CA ILE A 21 -2.25 -6.81 -1.07
C ILE A 21 -2.18 -7.42 0.33
N MET A 22 -2.16 -6.54 1.35
CA MET A 22 -2.12 -6.91 2.78
C MET A 22 -0.95 -7.84 3.11
N LEU A 23 0.01 -7.33 3.90
CA LEU A 23 1.21 -8.10 4.29
C LEU A 23 1.78 -7.70 5.66
N PRO A 24 2.11 -6.38 5.93
CA PRO A 24 2.72 -5.97 7.20
C PRO A 24 1.73 -5.94 8.37
N THR A 25 2.28 -5.84 9.60
CA THR A 25 1.49 -5.80 10.86
C THR A 25 0.67 -7.09 11.06
N TRP A 26 0.12 -7.26 12.28
CA TRP A 26 -0.70 -8.45 12.61
C TRP A 26 -1.96 -8.56 11.71
N PRO A 27 -2.80 -7.49 11.55
CA PRO A 27 -3.99 -7.53 10.68
C PRO A 27 -3.62 -7.35 9.19
N PRO A 28 -4.53 -7.64 8.22
CA PRO A 28 -4.24 -7.48 6.78
C PRO A 28 -4.29 -6.01 6.32
N ARG A 29 -3.14 -5.48 5.86
CA ARG A 29 -3.04 -4.08 5.40
C ARG A 29 -2.07 -3.94 4.22
N TYR A 30 -2.44 -3.10 3.24
CA TYR A 30 -1.64 -2.84 2.03
C TYR A 30 -0.40 -1.98 2.36
N VAL A 31 0.54 -1.91 1.39
CA VAL A 31 1.76 -1.10 1.54
C VAL A 31 2.18 -0.49 0.21
N CYS A 32 2.77 0.70 0.29
CA CYS A 32 3.24 1.43 -0.90
C CYS A 32 4.72 1.77 -0.74
N SER A 33 5.48 1.61 -1.83
CA SER A 33 6.92 1.90 -1.82
C SER A 33 7.32 2.88 -2.93
N VAL A 34 6.31 3.55 -3.48
CA VAL A 34 6.44 4.57 -4.57
C VAL A 34 7.36 4.08 -5.72
N CYS A 1 -0.69 12.38 -2.56
CA CYS A 1 0.18 11.21 -2.86
C CYS A 1 0.57 10.49 -1.57
N VAL A 2 0.70 9.16 -1.67
CA VAL A 2 1.07 8.33 -0.52
C VAL A 2 2.27 7.45 -0.92
N SER A 3 3.47 8.05 -0.81
CA SER A 3 4.72 7.37 -1.15
C SER A 3 5.16 6.36 -0.07
N SER A 4 4.96 6.73 1.20
CA SER A 4 5.32 5.87 2.33
C SER A 4 4.21 5.83 3.38
N GLY A 5 3.84 4.60 3.77
CA GLY A 5 2.79 4.43 4.77
C GLY A 5 1.78 3.35 4.38
N ILE A 6 0.74 3.21 5.19
CA ILE A 6 -0.32 2.22 4.94
C ILE A 6 -1.48 2.86 4.19
N VAL A 7 -2.09 2.07 3.30
CA VAL A 7 -3.22 2.53 2.50
C VAL A 7 -4.33 1.48 2.45
N ASP A 8 -5.58 1.95 2.41
CA ASP A 8 -6.74 1.07 2.33
C ASP A 8 -7.14 0.84 0.87
N ALA A 9 -6.22 1.25 -0.03
CA ALA A 9 -6.42 1.13 -1.48
C ALA A 9 -5.13 0.66 -2.19
N CYS A 10 -5.05 0.88 -3.51
CA CYS A 10 -3.90 0.49 -4.34
C CYS A 10 -3.82 1.39 -5.57
N SER A 11 -4.98 1.71 -6.14
CA SER A 11 -5.08 2.57 -7.33
C SER A 11 -5.06 4.05 -6.93
N GLU A 12 -5.40 4.32 -5.66
CA GLU A 12 -5.40 5.68 -5.11
C GLU A 12 -4.00 6.08 -4.63
N CYS A 13 -3.19 5.07 -4.26
CA CYS A 13 -1.81 5.29 -3.80
C CYS A 13 -0.88 5.56 -5.00
N CYS A 14 0.33 6.07 -4.72
CA CYS A 14 1.30 6.40 -5.78
C CYS A 14 2.13 5.17 -6.21
N GLU A 15 1.58 3.98 -6.01
CA GLU A 15 2.25 2.73 -6.39
C GLU A 15 1.40 1.94 -7.40
N PRO A 16 1.51 2.26 -8.73
CA PRO A 16 0.74 1.56 -9.79
C PRO A 16 1.34 0.20 -10.14
N ASP A 17 0.45 -0.82 -10.25
CA ASP A 17 0.83 -2.22 -10.59
C ASP A 17 1.72 -2.88 -9.52
N LYS A 18 1.98 -2.17 -8.42
CA LYS A 18 2.81 -2.69 -7.33
C LYS A 18 2.16 -2.41 -5.97
N CYS A 19 1.21 -3.28 -5.60
CA CYS A 19 0.49 -3.16 -4.33
C CYS A 19 0.36 -4.53 -3.65
N ILE A 20 0.96 -4.66 -2.47
CA ILE A 20 0.91 -5.92 -1.71
C ILE A 20 -0.06 -5.82 -0.54
N ILE A 21 -0.53 -6.98 -0.05
CA ILE A 21 -1.47 -7.04 1.06
C ILE A 21 -0.73 -7.30 2.38
N MET A 22 -0.68 -6.25 3.23
CA MET A 22 -0.02 -6.25 4.57
C MET A 22 1.41 -6.85 4.59
N LEU A 23 2.31 -6.21 5.33
CA LEU A 23 3.69 -6.68 5.47
C LEU A 23 4.18 -6.57 6.93
N PRO A 24 4.20 -5.35 7.57
CA PRO A 24 4.70 -5.21 8.93
C PRO A 24 3.62 -5.44 10.00
N THR A 25 2.55 -6.12 9.60
CA THR A 25 1.41 -6.42 10.49
C THR A 25 0.78 -7.77 10.14
N TRP A 26 -0.05 -8.29 11.06
CA TRP A 26 -0.72 -9.59 10.87
C TRP A 26 -2.04 -9.50 10.07
N PRO A 27 -2.97 -8.50 10.34
CA PRO A 27 -4.25 -8.40 9.60
C PRO A 27 -4.05 -7.82 8.18
N PRO A 28 -5.10 -7.89 7.27
CA PRO A 28 -4.98 -7.37 5.89
C PRO A 28 -4.77 -5.86 5.82
N ARG A 29 -3.67 -5.47 5.14
CA ARG A 29 -3.31 -4.05 4.97
C ARG A 29 -2.65 -3.84 3.61
N TYR A 30 -1.90 -2.74 3.45
CA TYR A 30 -1.21 -2.38 2.19
C TYR A 30 -0.03 -1.44 2.47
N VAL A 31 1.02 -1.54 1.67
CA VAL A 31 2.21 -0.69 1.81
C VAL A 31 2.60 -0.09 0.46
N CYS A 32 3.10 1.15 0.50
CA CYS A 32 3.52 1.86 -0.70
C CYS A 32 4.98 2.32 -0.56
N SER A 33 5.76 2.14 -1.64
CA SER A 33 7.17 2.53 -1.65
C SER A 33 7.54 3.38 -2.86
N VAL A 34 6.50 3.94 -3.49
CA VAL A 34 6.59 4.81 -4.69
C VAL A 34 7.49 4.20 -5.81
N CYS A 1 -0.26 12.84 -2.26
CA CYS A 1 -0.20 11.37 -2.53
C CYS A 1 0.27 10.61 -1.29
N VAL A 2 0.35 9.27 -1.42
CA VAL A 2 0.77 8.41 -0.31
C VAL A 2 1.94 7.53 -0.78
N SER A 3 3.15 8.09 -0.68
CA SER A 3 4.39 7.41 -1.07
C SER A 3 4.75 6.24 -0.13
N SER A 4 4.60 6.47 1.19
CA SER A 4 4.90 5.44 2.19
C SER A 4 3.79 5.31 3.22
N GLY A 5 3.63 4.08 3.73
CA GLY A 5 2.60 3.79 4.72
C GLY A 5 1.55 2.82 4.22
N ILE A 6 0.53 2.57 5.05
CA ILE A 6 -0.56 1.66 4.70
C ILE A 6 -1.71 2.43 4.07
N VAL A 7 -2.37 1.77 3.10
CA VAL A 7 -3.51 2.37 2.39
C VAL A 7 -4.60 1.34 2.14
N ASP A 8 -5.85 1.82 2.14
CA ASP A 8 -7.01 0.96 1.88
C ASP A 8 -7.34 0.95 0.39
N ALA A 9 -6.36 1.42 -0.41
CA ALA A 9 -6.50 1.49 -1.87
C ALA A 9 -5.28 0.87 -2.58
N CYS A 10 -5.24 1.03 -3.91
CA CYS A 10 -4.14 0.49 -4.74
C CYS A 10 -3.90 1.39 -5.95
N SER A 11 -5.00 1.89 -6.53
CA SER A 11 -4.94 2.79 -7.69
C SER A 11 -4.86 4.26 -7.24
N GLU A 12 -5.20 4.50 -5.97
CA GLU A 12 -5.17 5.85 -5.39
C GLU A 12 -3.79 6.15 -4.79
N CYS A 13 -3.08 5.09 -4.36
CA CYS A 13 -1.74 5.23 -3.78
C CYS A 13 -0.70 5.53 -4.88
N CYS A 14 0.50 5.98 -4.45
CA CYS A 14 1.59 6.32 -5.40
C CYS A 14 2.27 5.07 -5.99
N GLU A 15 1.82 3.88 -5.55
CA GLU A 15 2.37 2.62 -6.03
C GLU A 15 1.34 1.87 -6.90
N PRO A 16 1.22 2.22 -8.21
CA PRO A 16 0.26 1.58 -9.13
C PRO A 16 0.80 0.29 -9.77
N ASP A 17 2.11 0.25 -10.04
CA ASP A 17 2.75 -0.92 -10.66
C ASP A 17 3.25 -1.92 -9.61
N LYS A 18 3.93 -1.41 -8.57
CA LYS A 18 4.47 -2.24 -7.50
C LYS A 18 3.49 -2.31 -6.31
N CYS A 19 2.19 -2.40 -6.63
CA CYS A 19 1.13 -2.45 -5.62
C CYS A 19 0.96 -3.86 -5.06
N ILE A 20 1.17 -3.99 -3.74
CA ILE A 20 1.05 -5.28 -3.04
C ILE A 20 -0.19 -5.27 -2.14
N ILE A 21 -0.75 -6.45 -1.90
CA ILE A 21 -1.94 -6.60 -1.06
C ILE A 21 -1.54 -7.07 0.35
N MET A 22 -1.38 -6.08 1.26
CA MET A 22 -1.01 -6.27 2.69
C MET A 22 0.18 -7.23 2.91
N LEU A 23 1.11 -6.82 3.79
CA LEU A 23 2.28 -7.64 4.11
C LEU A 23 2.53 -7.71 5.63
N PRO A 24 2.73 -6.56 6.36
CA PRO A 24 3.01 -6.60 7.79
C PRO A 24 1.74 -6.62 8.67
N THR A 25 0.65 -7.10 8.07
CA THR A 25 -0.65 -7.17 8.75
C THR A 25 -1.45 -8.38 8.27
N TRP A 26 -2.21 -8.99 9.19
CA TRP A 26 -3.05 -10.17 8.90
C TRP A 26 -4.31 -9.82 8.08
N PRO A 27 -5.13 -8.76 8.46
CA PRO A 27 -6.35 -8.39 7.70
C PRO A 27 -6.02 -7.70 6.36
N PRO A 28 -7.02 -7.52 5.43
CA PRO A 28 -6.80 -6.87 4.12
C PRO A 28 -6.25 -5.44 4.22
N ARG A 29 -5.05 -5.23 3.65
CA ARG A 29 -4.37 -3.93 3.66
C ARG A 29 -3.51 -3.76 2.39
N TYR A 30 -2.63 -2.74 2.38
CA TYR A 30 -1.76 -2.44 1.24
C TYR A 30 -0.49 -1.72 1.71
N VAL A 31 0.57 -1.79 0.89
CA VAL A 31 1.84 -1.13 1.21
C VAL A 31 2.37 -0.35 0.01
N CYS A 32 2.94 0.83 0.31
CA CYS A 32 3.54 1.71 -0.71
C CYS A 32 4.90 2.19 -0.23
N SER A 33 5.95 1.87 -1.00
CA SER A 33 7.33 2.25 -0.63
C SER A 33 8.02 3.03 -1.75
N VAL A 34 7.23 3.58 -2.64
CA VAL A 34 7.73 4.37 -3.78
C VAL A 34 7.91 5.84 -3.41
N CYS A 1 -0.50 12.28 -2.39
CA CYS A 1 0.36 11.10 -2.67
C CYS A 1 0.64 10.32 -1.40
N VAL A 2 0.76 9.00 -1.53
CA VAL A 2 1.04 8.12 -0.40
C VAL A 2 2.24 7.22 -0.75
N SER A 3 3.44 7.76 -0.55
CA SER A 3 4.69 7.06 -0.83
C SER A 3 5.02 6.00 0.23
N SER A 4 4.76 6.32 1.50
CA SER A 4 5.03 5.40 2.61
C SER A 4 3.87 5.36 3.60
N GLY A 5 3.46 4.15 3.98
CA GLY A 5 2.37 3.97 4.92
C GLY A 5 1.33 2.95 4.45
N ILE A 6 0.20 2.89 5.17
CA ILE A 6 -0.89 1.98 4.84
C ILE A 6 -1.92 2.68 3.94
N VAL A 7 -2.61 1.89 3.12
CA VAL A 7 -3.63 2.43 2.20
C VAL A 7 -4.82 1.49 2.09
N ASP A 8 -6.02 2.08 2.01
CA ASP A 8 -7.27 1.32 1.86
C ASP A 8 -7.59 1.15 0.38
N ALA A 9 -6.61 1.51 -0.47
CA ALA A 9 -6.73 1.42 -1.92
C ALA A 9 -5.45 0.84 -2.55
N CYS A 10 -5.28 1.05 -3.87
CA CYS A 10 -4.12 0.55 -4.62
C CYS A 10 -3.89 1.42 -5.85
N SER A 11 -4.99 1.85 -6.48
CA SER A 11 -4.94 2.71 -7.66
C SER A 11 -4.88 4.19 -7.26
N GLU A 12 -5.27 4.48 -6.01
CA GLU A 12 -5.24 5.85 -5.47
C GLU A 12 -3.86 6.19 -4.91
N CYS A 13 -3.12 5.14 -4.48
CA CYS A 13 -1.77 5.30 -3.94
C CYS A 13 -0.77 5.58 -5.07
N CYS A 14 0.44 6.05 -4.72
CA CYS A 14 1.48 6.37 -5.71
C CYS A 14 2.29 5.11 -6.11
N GLU A 15 1.65 3.94 -5.99
CA GLU A 15 2.27 2.67 -6.34
C GLU A 15 1.42 1.91 -7.38
N PRO A 16 1.71 2.08 -8.71
CA PRO A 16 0.96 1.40 -9.78
C PRO A 16 1.38 -0.06 -10.00
N ASP A 17 2.69 -0.33 -9.87
CA ASP A 17 3.23 -1.68 -10.07
C ASP A 17 3.71 -2.31 -8.76
N LYS A 18 4.30 -1.48 -7.88
CA LYS A 18 4.82 -1.95 -6.59
C LYS A 18 3.74 -1.89 -5.49
N CYS A 19 2.49 -2.15 -5.89
CA CYS A 19 1.35 -2.14 -4.97
C CYS A 19 1.00 -3.56 -4.53
N ILE A 20 0.95 -3.76 -3.21
CA ILE A 20 0.64 -5.09 -2.64
C ILE A 20 -0.72 -5.04 -1.96
N ILE A 21 -1.39 -6.19 -1.90
CA ILE A 21 -2.72 -6.30 -1.28
C ILE A 21 -2.61 -7.01 0.07
N MET A 22 -2.49 -6.19 1.14
CA MET A 22 -2.38 -6.67 2.54
C MET A 22 -1.24 -7.68 2.73
N LEU A 23 -0.18 -7.25 3.42
CA LEU A 23 0.98 -8.11 3.65
C LEU A 23 1.69 -7.84 5.01
N PRO A 24 2.18 -6.58 5.30
CA PRO A 24 2.91 -6.31 6.55
C PRO A 24 2.00 -6.28 7.79
N THR A 25 2.62 -6.05 8.96
CA THR A 25 1.94 -5.99 10.29
C THR A 25 1.12 -7.27 10.59
N TRP A 26 0.66 -7.40 11.85
CA TRP A 26 -0.14 -8.57 12.28
C TRP A 26 -1.45 -8.70 11.46
N PRO A 27 -2.27 -7.61 11.27
CA PRO A 27 -3.51 -7.68 10.48
C PRO A 27 -3.26 -7.46 8.97
N PRO A 28 -4.25 -7.78 8.07
CA PRO A 28 -4.08 -7.57 6.62
C PRO A 28 -4.27 -6.11 6.20
N ARG A 29 -3.18 -5.47 5.75
CA ARG A 29 -3.21 -4.07 5.32
C ARG A 29 -2.26 -3.82 4.15
N TYR A 30 -2.68 -2.93 3.23
CA TYR A 30 -1.88 -2.57 2.03
C TYR A 30 -0.67 -1.72 2.43
N VAL A 31 0.37 -1.70 1.59
CA VAL A 31 1.58 -0.93 1.89
C VAL A 31 2.21 -0.35 0.62
N CYS A 32 2.58 0.93 0.69
CA CYS A 32 3.21 1.63 -0.42
C CYS A 32 4.64 2.04 -0.04
N SER A 33 5.59 1.75 -0.92
CA SER A 33 7.00 2.08 -0.68
C SER A 33 7.63 2.87 -1.83
N VAL A 34 6.75 3.40 -2.69
CA VAL A 34 7.10 4.21 -3.88
C VAL A 34 8.24 3.58 -4.73
N CYS A 1 1.82 12.32 -2.60
CA CYS A 1 0.87 11.19 -2.47
C CYS A 1 1.22 10.31 -1.26
N VAL A 2 0.50 9.19 -1.10
CA VAL A 2 0.70 8.25 0.02
C VAL A 2 1.91 7.33 -0.28
N SER A 3 3.08 7.96 -0.37
CA SER A 3 4.35 7.27 -0.66
C SER A 3 4.72 6.23 0.40
N SER A 4 4.44 6.54 1.68
CA SER A 4 4.75 5.63 2.78
C SER A 4 3.59 5.53 3.76
N GLY A 5 3.16 4.29 4.02
CA GLY A 5 2.06 4.06 4.95
C GLY A 5 1.10 3.00 4.45
N ILE A 6 -0.11 2.98 5.04
CA ILE A 6 -1.15 2.01 4.67
C ILE A 6 -2.11 2.64 3.64
N VAL A 7 -2.69 1.78 2.80
CA VAL A 7 -3.62 2.23 1.76
C VAL A 7 -4.75 1.23 1.57
N ASP A 8 -5.96 1.76 1.36
CA ASP A 8 -7.14 0.94 1.13
C ASP A 8 -7.36 0.78 -0.37
N ALA A 9 -6.36 1.22 -1.15
CA ALA A 9 -6.39 1.17 -2.62
C ALA A 9 -4.99 0.88 -3.20
N CYS A 10 -4.82 1.20 -4.50
CA CYS A 10 -3.55 0.98 -5.22
C CYS A 10 -3.42 2.01 -6.34
N SER A 11 -4.54 2.32 -7.00
CA SER A 11 -4.60 3.30 -8.08
C SER A 11 -4.59 4.73 -7.54
N GLU A 12 -5.02 4.87 -6.27
CA GLU A 12 -5.03 6.16 -5.58
C GLU A 12 -3.69 6.45 -4.91
N CYS A 13 -2.98 5.37 -4.55
CA CYS A 13 -1.65 5.47 -3.91
C CYS A 13 -0.57 5.73 -4.99
N CYS A 14 0.68 5.97 -4.54
CA CYS A 14 1.80 6.24 -5.44
C CYS A 14 2.21 4.98 -6.24
N GLU A 15 1.80 3.81 -5.73
CA GLU A 15 2.10 2.54 -6.37
C GLU A 15 0.84 1.99 -7.10
N PRO A 16 0.66 2.31 -8.42
CA PRO A 16 -0.51 1.84 -9.19
C PRO A 16 -0.45 0.35 -9.56
N ASP A 17 0.77 -0.15 -9.83
CA ASP A 17 0.97 -1.55 -10.18
C ASP A 17 2.01 -2.22 -9.28
N LYS A 18 2.93 -1.42 -8.72
CA LYS A 18 3.98 -1.92 -7.84
C LYS A 18 3.56 -1.86 -6.37
N CYS A 19 2.24 -1.93 -6.13
CA CYS A 19 1.68 -1.88 -4.76
C CYS A 19 1.61 -3.29 -4.16
N ILE A 20 1.78 -3.37 -2.84
CA ILE A 20 1.73 -4.65 -2.13
C ILE A 20 0.34 -4.88 -1.54
N ILE A 21 -0.01 -6.17 -1.37
CA ILE A 21 -1.32 -6.57 -0.83
C ILE A 21 -1.23 -6.72 0.69
N MET A 22 -2.40 -6.73 1.36
CA MET A 22 -2.50 -6.87 2.82
C MET A 22 -1.76 -8.11 3.31
N LEU A 23 -0.59 -7.90 3.92
CA LEU A 23 0.25 -9.00 4.41
C LEU A 23 1.12 -8.59 5.63
N PRO A 24 1.94 -7.49 5.56
CA PRO A 24 2.82 -7.09 6.69
C PRO A 24 2.05 -6.82 8.00
N THR A 25 2.79 -6.74 9.12
CA THR A 25 2.23 -6.49 10.48
C THR A 25 1.15 -7.52 10.86
N TRP A 26 0.65 -7.44 12.10
CA TRP A 26 -0.39 -8.37 12.60
C TRP A 26 -1.74 -8.20 11.86
N PRO A 27 -2.27 -6.94 11.65
CA PRO A 27 -3.53 -6.73 10.92
C PRO A 27 -3.32 -6.67 9.40
N PRO A 28 -4.12 -7.43 8.57
CA PRO A 28 -3.98 -7.40 7.09
C PRO A 28 -4.22 -6.00 6.51
N ARG A 29 -3.13 -5.38 6.02
CA ARG A 29 -3.18 -4.03 5.42
C ARG A 29 -2.19 -3.89 4.28
N TYR A 30 -2.55 -3.05 3.28
CA TYR A 30 -1.70 -2.79 2.10
C TYR A 30 -0.51 -1.89 2.48
N VAL A 31 0.57 -1.98 1.69
CA VAL A 31 1.77 -1.16 1.93
C VAL A 31 2.32 -0.65 0.58
N CYS A 32 2.55 0.66 0.51
CA CYS A 32 3.08 1.30 -0.70
C CYS A 32 4.59 1.53 -0.57
N SER A 33 5.34 1.04 -1.55
CA SER A 33 6.80 1.19 -1.57
C SER A 33 7.26 2.34 -2.47
N VAL A 34 6.29 3.20 -2.82
CA VAL A 34 6.47 4.38 -3.69
C VAL A 34 7.30 4.09 -4.97
N CYS A 1 0.85 11.70 -3.71
CA CYS A 1 -0.36 11.11 -3.07
C CYS A 1 -0.01 10.47 -1.71
N VAL A 2 0.53 9.24 -1.75
CA VAL A 2 0.93 8.50 -0.54
C VAL A 2 2.24 7.78 -0.84
N SER A 3 3.35 8.46 -0.55
CA SER A 3 4.71 7.92 -0.78
C SER A 3 4.99 6.65 0.03
N SER A 4 4.77 6.70 1.35
CA SER A 4 5.01 5.55 2.24
C SER A 4 3.91 5.41 3.29
N GLY A 5 3.74 4.18 3.79
CA GLY A 5 2.73 3.90 4.80
C GLY A 5 1.68 2.91 4.32
N ILE A 6 0.68 2.66 5.17
CA ILE A 6 -0.41 1.73 4.84
C ILE A 6 -1.58 2.50 4.21
N VAL A 7 -2.23 1.85 3.24
CA VAL A 7 -3.36 2.44 2.54
C VAL A 7 -4.49 1.43 2.35
N ASP A 8 -5.73 1.93 2.35
CA ASP A 8 -6.90 1.09 2.14
C ASP A 8 -7.26 1.05 0.65
N ALA A 9 -6.30 1.48 -0.18
CA ALA A 9 -6.46 1.52 -1.63
C ALA A 9 -5.27 0.88 -2.36
N CYS A 10 -5.18 1.08 -3.69
CA CYS A 10 -4.11 0.51 -4.51
C CYS A 10 -3.89 1.39 -5.75
N SER A 11 -5.01 1.83 -6.35
CA SER A 11 -4.98 2.70 -7.53
C SER A 11 -4.95 4.17 -7.13
N GLU A 12 -5.25 4.45 -5.86
CA GLU A 12 -5.26 5.81 -5.32
C GLU A 12 -3.86 6.22 -4.83
N CYS A 13 -3.07 5.22 -4.39
CA CYS A 13 -1.71 5.45 -3.90
C CYS A 13 -0.74 5.70 -5.08
N CYS A 14 0.46 6.22 -4.78
CA CYS A 14 1.47 6.52 -5.80
C CYS A 14 2.17 5.25 -6.31
N GLU A 15 1.79 4.10 -5.76
CA GLU A 15 2.38 2.81 -6.14
C GLU A 15 1.34 1.98 -6.95
N PRO A 16 1.24 2.19 -8.29
CA PRO A 16 0.29 1.45 -9.15
C PRO A 16 0.83 0.09 -9.65
N ASP A 17 2.15 0.03 -9.90
CA ASP A 17 2.79 -1.19 -10.41
C ASP A 17 3.31 -2.07 -9.27
N LYS A 18 3.98 -1.45 -8.28
CA LYS A 18 4.54 -2.18 -7.14
C LYS A 18 3.52 -2.26 -5.98
N CYS A 19 2.24 -2.36 -6.33
CA CYS A 19 1.16 -2.44 -5.35
C CYS A 19 0.86 -3.89 -4.97
N ILE A 20 0.96 -4.18 -3.66
CA ILE A 20 0.71 -5.52 -3.14
C ILE A 20 -0.40 -5.50 -2.07
N ILE A 21 -1.01 -6.66 -1.84
CA ILE A 21 -2.10 -6.78 -0.86
C ILE A 21 -1.55 -7.29 0.49
N MET A 22 -1.40 -6.34 1.44
CA MET A 22 -0.89 -6.59 2.83
C MET A 22 0.40 -7.43 2.88
N LEU A 23 1.38 -6.96 3.68
CA LEU A 23 2.65 -7.67 3.83
C LEU A 23 3.03 -7.84 5.32
N PRO A 24 3.18 -6.74 6.13
CA PRO A 24 3.58 -6.87 7.53
C PRO A 24 2.40 -7.10 8.49
N THR A 25 1.31 -7.60 7.93
CA THR A 25 0.07 -7.87 8.68
C THR A 25 -0.68 -9.07 8.11
N TRP A 26 -1.55 -9.67 8.93
CA TRP A 26 -2.36 -10.84 8.51
C TRP A 26 -3.67 -10.45 7.78
N PRO A 27 -4.48 -9.45 8.27
CA PRO A 27 -5.75 -9.05 7.59
C PRO A 27 -5.49 -8.25 6.31
N PRO A 28 -6.54 -8.01 5.44
CA PRO A 28 -6.38 -7.26 4.17
C PRO A 28 -5.86 -5.82 4.38
N ARG A 29 -4.70 -5.53 3.76
CA ARG A 29 -4.05 -4.21 3.84
C ARG A 29 -3.30 -3.91 2.54
N TYR A 30 -2.43 -2.87 2.56
CA TYR A 30 -1.65 -2.44 1.39
C TYR A 30 -0.40 -1.68 1.84
N VAL A 31 0.65 -1.69 1.00
CA VAL A 31 1.90 -0.99 1.31
C VAL A 31 2.39 -0.20 0.09
N CYS A 32 2.99 0.96 0.36
CA CYS A 32 3.54 1.83 -0.68
C CYS A 32 4.97 2.24 -0.31
N SER A 33 5.94 1.66 -1.02
CA SER A 33 7.36 1.92 -0.77
C SER A 33 7.96 2.90 -1.79
N VAL A 34 7.08 3.65 -2.42
CA VAL A 34 7.46 4.63 -3.45
C VAL A 34 7.86 5.98 -2.82
N CYS A 1 -0.17 12.45 -2.37
CA CYS A 1 0.57 11.20 -2.66
C CYS A 1 0.78 10.39 -1.38
N VAL A 2 0.86 9.06 -1.54
CA VAL A 2 1.06 8.15 -0.42
C VAL A 2 2.26 7.24 -0.72
N SER A 3 3.46 7.77 -0.50
CA SER A 3 4.70 7.04 -0.75
C SER A 3 5.08 6.12 0.41
N SER A 4 4.76 6.55 1.65
CA SER A 4 5.06 5.75 2.84
C SER A 4 3.84 5.65 3.76
N GLY A 5 3.49 4.41 4.11
CA GLY A 5 2.35 4.16 4.99
C GLY A 5 1.43 3.07 4.46
N ILE A 6 0.24 2.98 5.08
CA ILE A 6 -0.76 1.99 4.69
C ILE A 6 -1.76 2.60 3.71
N VAL A 7 -2.37 1.74 2.89
CA VAL A 7 -3.35 2.19 1.89
C VAL A 7 -4.50 1.20 1.78
N ASP A 8 -5.71 1.74 1.62
CA ASP A 8 -6.92 0.93 1.46
C ASP A 8 -7.20 0.71 -0.03
N ALA A 9 -6.25 1.14 -0.87
CA ALA A 9 -6.36 1.04 -2.33
C ALA A 9 -4.97 0.79 -2.97
N CYS A 10 -4.85 1.13 -4.26
CA CYS A 10 -3.61 0.95 -5.04
C CYS A 10 -3.59 1.94 -6.20
N SER A 11 -4.77 2.19 -6.78
CA SER A 11 -4.94 3.13 -7.89
C SER A 11 -4.92 4.58 -7.38
N GLU A 12 -5.24 4.75 -6.09
CA GLU A 12 -5.25 6.06 -5.44
C GLU A 12 -3.85 6.40 -4.93
N CYS A 13 -3.06 5.35 -4.63
CA CYS A 13 -1.67 5.51 -4.16
C CYS A 13 -0.74 5.81 -5.35
N CYS A 14 0.48 6.26 -5.05
CA CYS A 14 1.48 6.59 -6.10
C CYS A 14 2.19 5.32 -6.62
N GLU A 15 1.55 4.17 -6.43
CA GLU A 15 2.10 2.88 -6.88
C GLU A 15 1.04 2.11 -7.70
N PRO A 16 1.10 2.15 -9.07
CA PRO A 16 0.12 1.44 -9.92
C PRO A 16 0.30 -0.09 -9.90
N ASP A 17 1.55 -0.55 -9.89
CA ASP A 17 1.87 -1.98 -9.86
C ASP A 17 2.94 -2.30 -8.83
N LYS A 18 3.48 -1.25 -8.18
CA LYS A 18 4.54 -1.41 -7.17
C LYS A 18 3.95 -1.58 -5.75
N CYS A 19 2.62 -1.56 -5.64
CA CYS A 19 1.93 -1.72 -4.36
C CYS A 19 1.63 -3.19 -4.07
N ILE A 20 1.88 -3.61 -2.82
CA ILE A 20 1.63 -4.99 -2.40
C ILE A 20 0.29 -5.10 -1.66
N ILE A 21 -0.27 -6.31 -1.63
CA ILE A 21 -1.56 -6.57 -0.97
C ILE A 21 -1.35 -6.82 0.53
N MET A 22 -2.45 -6.70 1.29
CA MET A 22 -2.48 -6.90 2.75
C MET A 22 -1.69 -8.15 3.18
N LEU A 23 -0.53 -7.93 3.82
CA LEU A 23 0.33 -9.02 4.27
C LEU A 23 1.13 -8.67 5.54
N PRO A 24 1.93 -7.54 5.57
CA PRO A 24 2.74 -7.20 6.77
C PRO A 24 1.90 -6.97 8.03
N THR A 25 2.58 -6.79 9.18
CA THR A 25 1.94 -6.58 10.52
C THR A 25 0.94 -7.69 10.87
N TRP A 26 0.35 -7.62 12.08
CA TRP A 26 -0.61 -8.63 12.55
C TRP A 26 -1.93 -8.62 11.73
N PRO A 27 -2.57 -7.43 11.48
CA PRO A 27 -3.82 -7.37 10.69
C PRO A 27 -3.54 -7.22 9.18
N PRO A 28 -4.55 -7.46 8.28
CA PRO A 28 -4.36 -7.32 6.82
C PRO A 28 -4.37 -5.86 6.37
N ARG A 29 -3.22 -5.39 5.85
CA ARG A 29 -3.08 -4.00 5.39
C ARG A 29 -2.08 -3.88 4.24
N TYR A 30 -2.42 -3.05 3.23
CA TYR A 30 -1.57 -2.78 2.07
C TYR A 30 -0.44 -1.82 2.48
N VAL A 31 0.69 -1.84 1.75
CA VAL A 31 1.82 -0.95 2.06
C VAL A 31 2.39 -0.32 0.79
N CYS A 32 2.49 1.01 0.80
CA CYS A 32 3.04 1.77 -0.33
C CYS A 32 4.47 2.19 -0.02
N SER A 33 5.39 1.93 -0.97
CA SER A 33 6.80 2.26 -0.80
C SER A 33 7.36 3.01 -2.01
N VAL A 34 6.44 3.53 -2.83
CA VAL A 34 6.72 4.29 -4.07
C VAL A 34 7.78 3.61 -4.99
N CYS A 1 -0.54 12.39 -2.14
CA CYS A 1 0.29 11.19 -2.45
C CYS A 1 0.54 10.38 -1.18
N VAL A 2 0.73 9.07 -1.38
CA VAL A 2 1.00 8.14 -0.28
C VAL A 2 2.27 7.33 -0.60
N SER A 3 3.42 7.95 -0.33
CA SER A 3 4.73 7.34 -0.58
C SER A 3 5.09 6.27 0.47
N SER A 4 4.76 6.55 1.74
CA SER A 4 5.05 5.63 2.84
C SER A 4 3.88 5.54 3.80
N GLY A 5 3.39 4.31 4.00
CA GLY A 5 2.27 4.07 4.91
C GLY A 5 1.33 2.99 4.42
N ILE A 6 0.13 2.95 5.01
CA ILE A 6 -0.89 1.96 4.64
C ILE A 6 -1.88 2.58 3.65
N VAL A 7 -2.47 1.71 2.81
CA VAL A 7 -3.43 2.15 1.80
C VAL A 7 -4.59 1.16 1.67
N ASP A 8 -5.79 1.71 1.48
CA ASP A 8 -7.00 0.89 1.29
C ASP A 8 -7.23 0.65 -0.21
N ALA A 9 -6.24 1.08 -1.01
CA ALA A 9 -6.29 0.95 -2.47
C ALA A 9 -4.87 0.85 -3.06
N CYS A 10 -4.74 1.21 -4.36
CA CYS A 10 -3.47 1.16 -5.10
C CYS A 10 -3.50 2.21 -6.22
N SER A 11 -4.68 2.36 -6.84
CA SER A 11 -4.88 3.34 -7.92
C SER A 11 -4.92 4.76 -7.36
N GLU A 12 -5.27 4.86 -6.07
CA GLU A 12 -5.32 6.14 -5.36
C GLU A 12 -3.94 6.49 -4.79
N CYS A 13 -3.13 5.43 -4.52
CA CYS A 13 -1.77 5.60 -4.00
C CYS A 13 -0.80 5.92 -5.15
N CYS A 14 0.43 6.33 -4.79
CA CYS A 14 1.46 6.66 -5.79
C CYS A 14 2.21 5.42 -6.30
N GLU A 15 1.56 4.26 -6.20
CA GLU A 15 2.12 2.99 -6.66
C GLU A 15 1.20 2.34 -7.72
N PRO A 16 1.59 2.37 -9.04
CA PRO A 16 0.77 1.79 -10.13
C PRO A 16 0.74 0.26 -10.11
N ASP A 17 1.92 -0.37 -9.98
CA ASP A 17 2.02 -1.84 -9.96
C ASP A 17 2.97 -2.34 -8.87
N LYS A 18 3.67 -1.41 -8.19
CA LYS A 18 4.63 -1.76 -7.14
C LYS A 18 3.96 -1.83 -5.75
N CYS A 19 2.61 -1.87 -5.74
CA CYS A 19 1.85 -1.95 -4.50
C CYS A 19 1.57 -3.40 -4.12
N ILE A 20 1.83 -3.74 -2.85
CA ILE A 20 1.60 -5.10 -2.35
C ILE A 20 0.26 -5.19 -1.61
N ILE A 21 -0.27 -6.41 -1.53
CA ILE A 21 -1.56 -6.68 -0.87
C ILE A 21 -1.37 -6.86 0.65
N MET A 22 -2.49 -6.77 1.38
CA MET A 22 -2.52 -6.92 2.85
C MET A 22 -1.73 -8.15 3.32
N LEU A 23 -0.57 -7.90 3.92
CA LEU A 23 0.31 -8.99 4.39
C LEU A 23 1.13 -8.59 5.64
N PRO A 24 1.92 -7.46 5.62
CA PRO A 24 2.75 -7.06 6.78
C PRO A 24 1.94 -6.82 8.05
N THR A 25 2.65 -6.60 9.19
CA THR A 25 2.04 -6.36 10.52
C THR A 25 1.06 -7.48 10.93
N TRP A 26 0.50 -7.39 12.16
CA TRP A 26 -0.45 -8.39 12.67
C TRP A 26 -1.77 -8.43 11.87
N PRO A 27 -2.45 -7.26 11.60
CA PRO A 27 -3.71 -7.24 10.82
C PRO A 27 -3.46 -7.13 9.30
N PRO A 28 -4.48 -7.41 8.43
CA PRO A 28 -4.32 -7.31 6.97
C PRO A 28 -4.36 -5.85 6.48
N ARG A 29 -3.22 -5.37 5.96
CA ARG A 29 -3.11 -3.99 5.46
C ARG A 29 -2.13 -3.89 4.29
N TYR A 30 -2.49 -3.08 3.27
CA TYR A 30 -1.66 -2.84 2.08
C TYR A 30 -0.50 -1.90 2.42
N VAL A 31 0.59 -1.95 1.64
CA VAL A 31 1.75 -1.08 1.87
C VAL A 31 2.29 -0.55 0.53
N CYS A 32 2.48 0.77 0.47
CA CYS A 32 3.01 1.43 -0.73
C CYS A 32 4.51 1.63 -0.62
N SER A 33 5.24 1.23 -1.68
CA SER A 33 6.71 1.34 -1.70
C SER A 33 7.18 2.50 -2.58
N VAL A 34 6.26 3.43 -2.86
CA VAL A 34 6.47 4.64 -3.69
C VAL A 34 7.14 4.34 -5.05
N CYS A 1 1.96 11.08 -4.04
CA CYS A 1 0.68 11.10 -3.29
C CYS A 1 0.81 10.36 -1.97
N VAL A 2 1.02 9.03 -2.03
CA VAL A 2 1.18 8.19 -0.83
C VAL A 2 2.40 7.27 -1.05
N SER A 3 3.58 7.81 -0.77
CA SER A 3 4.84 7.08 -0.93
C SER A 3 5.15 6.16 0.26
N SER A 4 4.80 6.61 1.47
CA SER A 4 5.05 5.83 2.69
C SER A 4 3.84 5.85 3.61
N GLY A 5 3.48 4.66 4.11
CA GLY A 5 2.35 4.52 5.01
C GLY A 5 1.38 3.42 4.58
N ILE A 6 0.31 3.24 5.37
CA ILE A 6 -0.72 2.24 5.08
C ILE A 6 -1.81 2.84 4.19
N VAL A 7 -2.38 2.00 3.33
CA VAL A 7 -3.43 2.42 2.42
C VAL A 7 -4.57 1.40 2.36
N ASP A 8 -5.79 1.90 2.31
CA ASP A 8 -6.99 1.06 2.21
C ASP A 8 -7.42 0.96 0.74
N ALA A 9 -6.50 1.38 -0.15
CA ALA A 9 -6.75 1.37 -1.60
C ALA A 9 -5.52 0.87 -2.37
N CYS A 10 -5.43 1.24 -3.67
CA CYS A 10 -4.34 0.83 -4.56
C CYS A 10 -4.25 1.80 -5.75
N SER A 11 -5.44 2.19 -6.26
CA SER A 11 -5.53 3.13 -7.38
C SER A 11 -5.34 4.58 -6.91
N GLU A 12 -5.48 4.78 -5.59
CA GLU A 12 -5.31 6.09 -4.97
C GLU A 12 -3.83 6.33 -4.62
N CYS A 13 -3.10 5.24 -4.34
CA CYS A 13 -1.68 5.31 -4.02
C CYS A 13 -0.84 5.45 -5.31
N CYS A 14 0.40 5.93 -5.16
CA CYS A 14 1.31 6.14 -6.29
C CYS A 14 2.12 4.87 -6.60
N GLU A 15 1.54 3.71 -6.27
CA GLU A 15 2.18 2.42 -6.51
C GLU A 15 1.39 1.60 -7.55
N PRO A 16 1.72 1.72 -8.87
CA PRO A 16 1.02 0.98 -9.94
C PRO A 16 1.48 -0.49 -10.02
N ASP A 17 0.48 -1.41 -10.04
CA ASP A 17 0.72 -2.87 -10.12
C ASP A 17 1.62 -3.40 -8.98
N LYS A 18 1.63 -2.67 -7.85
CA LYS A 18 2.43 -3.05 -6.69
C LYS A 18 1.61 -2.93 -5.40
N CYS A 19 0.83 -3.98 -5.12
CA CYS A 19 -0.01 -4.03 -3.92
C CYS A 19 0.16 -5.35 -3.19
N ILE A 20 0.42 -5.26 -1.88
CA ILE A 20 0.60 -6.45 -1.03
C ILE A 20 -0.32 -6.38 0.20
N ILE A 21 -0.59 -7.54 0.79
CA ILE A 21 -1.47 -7.63 1.97
C ILE A 21 -0.64 -7.62 3.26
N MET A 22 -0.62 -6.44 3.93
CA MET A 22 0.10 -6.19 5.21
C MET A 22 1.57 -6.67 5.21
N LEU A 23 2.38 -6.08 6.12
CA LEU A 23 3.80 -6.45 6.26
C LEU A 23 4.27 -6.23 7.72
N PRO A 24 4.20 -4.99 8.30
CA PRO A 24 4.68 -4.74 9.66
C PRO A 24 3.61 -4.97 10.74
N THR A 25 2.58 -5.73 10.37
CA THR A 25 1.46 -6.04 11.26
C THR A 25 0.89 -7.44 10.97
N TRP A 26 0.07 -7.94 11.91
CA TRP A 26 -0.53 -9.29 11.78
C TRP A 26 -1.84 -9.30 10.93
N PRO A 27 -2.81 -8.34 11.10
CA PRO A 27 -4.06 -8.34 10.31
C PRO A 27 -3.85 -7.83 8.87
N PRO A 28 -4.83 -8.04 7.93
CA PRO A 28 -4.69 -7.60 6.52
C PRO A 28 -4.61 -6.07 6.35
N ARG A 29 -3.54 -5.63 5.69
CA ARG A 29 -3.29 -4.20 5.43
C ARG A 29 -2.65 -4.01 4.05
N TYR A 30 -1.99 -2.85 3.85
CA TYR A 30 -1.31 -2.52 2.57
C TYR A 30 -0.17 -1.54 2.83
N VAL A 31 0.90 -1.66 2.05
CA VAL A 31 2.07 -0.78 2.19
C VAL A 31 2.48 -0.24 0.81
N CYS A 32 2.70 1.08 0.77
CA CYS A 32 3.11 1.76 -0.47
C CYS A 32 4.63 1.93 -0.51
N SER A 33 5.25 1.45 -1.59
CA SER A 33 6.70 1.52 -1.76
C SER A 33 7.10 2.49 -2.88
N VAL A 34 6.17 3.38 -3.21
CA VAL A 34 6.31 4.42 -4.26
C VAL A 34 6.83 3.85 -5.61
N CYS A 1 1.92 11.15 -3.78
CA CYS A 1 0.66 11.13 -3.00
C CYS A 1 0.87 10.36 -1.67
N VAL A 2 1.00 9.03 -1.75
CA VAL A 2 1.24 8.19 -0.57
C VAL A 2 2.38 7.22 -0.89
N SER A 3 3.61 7.71 -0.68
CA SER A 3 4.82 6.94 -0.94
C SER A 3 5.18 5.99 0.22
N SER A 4 4.94 6.43 1.45
CA SER A 4 5.25 5.63 2.64
C SER A 4 4.08 5.60 3.62
N GLY A 5 3.77 4.39 4.11
CA GLY A 5 2.68 4.22 5.06
C GLY A 5 1.67 3.16 4.62
N ILE A 6 0.58 3.04 5.38
CA ILE A 6 -0.49 2.08 5.07
C ILE A 6 -1.57 2.74 4.23
N VAL A 7 -2.13 1.94 3.32
CA VAL A 7 -3.20 2.42 2.43
C VAL A 7 -4.37 1.46 2.41
N ASP A 8 -5.59 2.01 2.39
CA ASP A 8 -6.80 1.22 2.33
C ASP A 8 -7.27 1.06 0.87
N ALA A 9 -6.35 1.42 -0.04
CA ALA A 9 -6.61 1.36 -1.48
C ALA A 9 -5.40 0.78 -2.24
N CYS A 10 -5.32 1.06 -3.55
CA CYS A 10 -4.24 0.57 -4.43
C CYS A 10 -4.13 1.47 -5.67
N SER A 11 -5.29 1.92 -6.16
CA SER A 11 -5.37 2.81 -7.32
C SER A 11 -5.23 4.28 -6.90
N GLU A 12 -5.46 4.54 -5.60
CA GLU A 12 -5.35 5.90 -5.05
C GLU A 12 -3.89 6.22 -4.69
N CYS A 13 -3.13 5.17 -4.34
CA CYS A 13 -1.70 5.31 -4.01
C CYS A 13 -0.87 5.52 -5.29
N CYS A 14 0.36 6.03 -5.13
CA CYS A 14 1.26 6.29 -6.25
C CYS A 14 2.05 5.03 -6.65
N GLU A 15 1.48 3.86 -6.35
CA GLU A 15 2.10 2.58 -6.67
C GLU A 15 1.29 1.83 -7.76
N PRO A 16 1.60 2.04 -9.08
CA PRO A 16 0.88 1.37 -10.18
C PRO A 16 1.27 -0.10 -10.34
N ASP A 17 0.24 -0.99 -10.26
CA ASP A 17 0.42 -2.45 -10.39
C ASP A 17 1.40 -3.04 -9.34
N LYS A 18 1.60 -2.30 -8.24
CA LYS A 18 2.51 -2.73 -7.17
C LYS A 18 1.89 -2.42 -5.80
N CYS A 19 1.07 -3.36 -5.32
CA CYS A 19 0.40 -3.24 -4.03
C CYS A 19 0.62 -4.50 -3.18
N ILE A 20 1.21 -4.32 -2.00
CA ILE A 20 1.49 -5.43 -1.08
C ILE A 20 0.40 -5.49 0.00
N ILE A 21 0.20 -6.68 0.57
CA ILE A 21 -0.82 -6.89 1.61
C ILE A 21 -0.16 -7.04 2.98
N MET A 22 -0.33 -5.99 3.82
CA MET A 22 0.19 -5.91 5.21
C MET A 22 1.68 -6.32 5.38
N LEU A 23 2.40 -5.56 6.21
CA LEU A 23 3.82 -5.85 6.48
C LEU A 23 4.16 -5.62 7.97
N PRO A 24 3.97 -4.38 8.55
CA PRO A 24 4.33 -4.12 9.95
C PRO A 24 3.21 -4.45 10.94
N THR A 25 2.27 -5.27 10.49
CA THR A 25 1.11 -5.67 11.30
C THR A 25 0.67 -7.10 10.96
N TRP A 26 -0.16 -7.69 11.84
CA TRP A 26 -0.67 -9.07 11.65
C TRP A 26 -1.92 -9.16 10.76
N PRO A 27 -2.97 -8.26 10.89
CA PRO A 27 -4.19 -8.33 10.05
C PRO A 27 -3.95 -7.85 8.60
N PRO A 28 -4.91 -8.09 7.65
CA PRO A 28 -4.75 -7.67 6.24
C PRO A 28 -4.72 -6.13 6.06
N ARG A 29 -3.63 -5.66 5.44
CA ARG A 29 -3.43 -4.22 5.17
C ARG A 29 -2.72 -4.03 3.82
N TYR A 30 -2.07 -2.87 3.63
CA TYR A 30 -1.36 -2.56 2.37
C TYR A 30 -0.17 -1.64 2.65
N VAL A 31 0.84 -1.72 1.77
CA VAL A 31 2.05 -0.91 1.90
C VAL A 31 2.37 -0.22 0.57
N CYS A 32 2.82 1.04 0.65
CA CYS A 32 3.17 1.81 -0.53
C CYS A 32 4.67 2.08 -0.57
N SER A 33 5.27 1.98 -1.76
CA SER A 33 6.71 2.20 -1.95
C SER A 33 7.01 3.10 -3.16
N VAL A 34 5.98 3.84 -3.59
CA VAL A 34 6.01 4.78 -4.73
C VAL A 34 6.61 4.16 -6.01
N CYS A 1 -1.82 11.76 -3.06
CA CYS A 1 -0.97 10.55 -3.24
C CYS A 1 -0.33 10.14 -1.90
N VAL A 2 0.09 8.87 -1.83
CA VAL A 2 0.70 8.32 -0.61
C VAL A 2 2.01 7.59 -0.99
N SER A 3 3.10 8.38 -1.06
CA SER A 3 4.43 7.88 -1.40
C SER A 3 4.91 6.75 -0.48
N SER A 4 4.75 6.95 0.84
CA SER A 4 5.17 5.94 1.83
C SER A 4 4.13 5.80 2.94
N GLY A 5 4.06 4.60 3.51
CA GLY A 5 3.12 4.31 4.59
C GLY A 5 2.10 3.26 4.21
N ILE A 6 1.07 3.10 5.06
CA ILE A 6 0.01 2.12 4.82
C ILE A 6 -1.18 2.79 4.12
N VAL A 7 -1.82 2.01 3.24
CA VAL A 7 -2.98 2.49 2.48
C VAL A 7 -4.06 1.41 2.39
N ASP A 8 -5.31 1.84 2.36
CA ASP A 8 -6.45 0.93 2.25
C ASP A 8 -6.84 0.76 0.77
N ALA A 9 -5.92 1.18 -0.12
CA ALA A 9 -6.13 1.12 -1.57
C ALA A 9 -4.84 0.69 -2.30
N CYS A 10 -4.83 0.87 -3.64
CA CYS A 10 -3.69 0.51 -4.50
C CYS A 10 -3.63 1.45 -5.70
N SER A 11 -4.80 1.78 -6.25
CA SER A 11 -4.93 2.69 -7.40
C SER A 11 -4.89 4.16 -6.94
N GLU A 12 -5.21 4.37 -5.65
CA GLU A 12 -5.21 5.71 -5.06
C GLU A 12 -3.82 6.06 -4.52
N CYS A 13 -3.04 5.02 -4.16
CA CYS A 13 -1.67 5.20 -3.64
C CYS A 13 -0.70 5.50 -4.80
N CYS A 14 0.53 5.93 -4.44
CA CYS A 14 1.56 6.27 -5.45
C CYS A 14 2.13 5.02 -6.14
N GLU A 15 1.78 3.83 -5.62
CA GLU A 15 2.25 2.56 -6.18
C GLU A 15 1.08 1.76 -6.79
N PRO A 16 0.60 2.13 -8.01
CA PRO A 16 -0.52 1.44 -8.68
C PRO A 16 -0.08 0.24 -9.54
N ASP A 17 1.22 0.19 -9.89
CA ASP A 17 1.77 -0.89 -10.71
C ASP A 17 2.17 -2.12 -9.88
N LYS A 18 2.74 -1.86 -8.70
CA LYS A 18 3.19 -2.95 -7.81
C LYS A 18 2.70 -2.70 -6.38
N CYS A 19 1.44 -3.06 -6.12
CA CYS A 19 0.82 -2.90 -4.81
C CYS A 19 0.84 -4.21 -4.03
N ILE A 20 1.42 -4.17 -2.83
CA ILE A 20 1.51 -5.36 -1.96
C ILE A 20 0.38 -5.33 -0.93
N ILE A 21 -0.03 -6.54 -0.49
CA ILE A 21 -1.10 -6.67 0.49
C ILE A 21 -0.52 -7.01 1.88
N MET A 22 -0.50 -5.99 2.76
CA MET A 22 0.00 -6.06 4.17
C MET A 22 1.37 -6.76 4.31
N LEU A 23 2.26 -6.14 5.08
CA LEU A 23 3.60 -6.69 5.32
C LEU A 23 4.01 -6.59 6.81
N PRO A 24 4.04 -5.36 7.44
CA PRO A 24 4.46 -5.23 8.84
C PRO A 24 3.31 -5.43 9.83
N THR A 25 2.25 -6.09 9.37
CA THR A 25 1.06 -6.36 10.18
C THR A 25 0.41 -7.69 9.76
N TRP A 26 -0.46 -8.22 10.65
CA TRP A 26 -1.15 -9.50 10.41
C TRP A 26 -2.47 -9.34 9.60
N PRO A 27 -3.36 -8.33 9.88
CA PRO A 27 -4.63 -8.16 9.14
C PRO A 27 -4.41 -7.60 7.71
N PRO A 28 -5.46 -7.60 6.81
CA PRO A 28 -5.32 -7.08 5.42
C PRO A 28 -5.02 -5.58 5.36
N ARG A 29 -3.87 -5.25 4.74
CA ARG A 29 -3.41 -3.87 4.57
C ARG A 29 -2.65 -3.73 3.24
N TYR A 30 -1.86 -2.64 3.10
CA TYR A 30 -1.09 -2.35 1.87
C TYR A 30 0.12 -1.48 2.21
N VAL A 31 1.16 -1.55 1.38
CA VAL A 31 2.38 -0.75 1.58
C VAL A 31 2.83 -0.11 0.27
N CYS A 32 3.32 1.12 0.37
CA CYS A 32 3.83 1.88 -0.78
C CYS A 32 5.25 2.38 -0.47
N SER A 33 6.24 1.67 -1.02
CA SER A 33 7.66 2.00 -0.81
C SER A 33 8.24 2.88 -1.92
N VAL A 34 7.35 3.54 -2.63
CA VAL A 34 7.71 4.44 -3.73
C VAL A 34 8.10 5.84 -3.23
N CYS A 1 -0.28 12.31 -2.12
CA CYS A 1 0.16 10.93 -2.44
C CYS A 1 0.57 10.17 -1.17
N VAL A 2 0.66 8.85 -1.28
CA VAL A 2 1.02 7.99 -0.14
C VAL A 2 2.26 7.15 -0.52
N SER A 3 3.43 7.77 -0.42
CA SER A 3 4.72 7.13 -0.75
C SER A 3 4.97 5.85 0.06
N SER A 4 4.79 5.93 1.38
CA SER A 4 4.98 4.78 2.27
C SER A 4 3.93 4.76 3.37
N GLY A 5 3.52 3.54 3.76
CA GLY A 5 2.53 3.37 4.80
C GLY A 5 1.44 2.39 4.40
N ILE A 6 0.25 2.58 4.98
CA ILE A 6 -0.89 1.70 4.68
C ILE A 6 -1.86 2.40 3.74
N VAL A 7 -2.49 1.59 2.88
CA VAL A 7 -3.45 2.10 1.90
C VAL A 7 -4.63 1.14 1.74
N ASP A 8 -5.83 1.71 1.61
CA ASP A 8 -7.04 0.92 1.42
C ASP A 8 -7.31 0.75 -0.08
N ALA A 9 -6.32 1.17 -0.89
CA ALA A 9 -6.39 1.11 -2.35
C ALA A 9 -5.00 0.85 -2.97
N CYS A 10 -4.85 1.19 -4.26
CA CYS A 10 -3.59 1.01 -5.01
C CYS A 10 -3.51 2.06 -6.13
N SER A 11 -4.66 2.33 -6.77
CA SER A 11 -4.76 3.31 -7.85
C SER A 11 -4.74 4.74 -7.29
N GLU A 12 -5.13 4.87 -6.00
CA GLU A 12 -5.15 6.16 -5.32
C GLU A 12 -3.79 6.44 -4.68
N CYS A 13 -3.04 5.37 -4.36
CA CYS A 13 -1.70 5.48 -3.77
C CYS A 13 -0.64 5.78 -4.84
N CYS A 14 0.60 6.07 -4.41
CA CYS A 14 1.70 6.37 -5.35
C CYS A 14 2.06 5.16 -6.21
N GLU A 15 1.73 3.96 -5.72
CA GLU A 15 1.99 2.70 -6.42
C GLU A 15 0.69 2.16 -7.06
N PRO A 16 0.39 2.53 -8.35
CA PRO A 16 -0.84 2.07 -9.05
C PRO A 16 -0.78 0.59 -9.46
N ASP A 17 0.42 0.12 -9.84
CA ASP A 17 0.62 -1.26 -10.28
C ASP A 17 1.74 -1.95 -9.49
N LYS A 18 2.68 -1.15 -8.97
CA LYS A 18 3.80 -1.67 -8.20
C LYS A 18 3.51 -1.67 -6.69
N CYS A 19 2.21 -1.73 -6.33
CA CYS A 19 1.78 -1.74 -4.93
C CYS A 19 1.79 -3.17 -4.38
N ILE A 20 1.99 -3.31 -3.06
CA ILE A 20 2.02 -4.61 -2.41
C ILE A 20 0.68 -4.88 -1.73
N ILE A 21 0.36 -6.17 -1.57
CA ILE A 21 -0.91 -6.60 -0.95
C ILE A 21 -0.77 -6.65 0.58
N MET A 22 -1.92 -6.80 1.26
CA MET A 22 -2.00 -6.86 2.74
C MET A 22 -1.08 -7.94 3.31
N LEU A 23 -0.06 -7.51 4.07
CA LEU A 23 0.91 -8.44 4.67
C LEU A 23 1.45 -7.93 6.04
N PRO A 24 2.00 -6.67 6.16
CA PRO A 24 2.57 -6.19 7.43
C PRO A 24 1.57 -6.16 8.59
N THR A 25 2.09 -5.88 9.81
CA THR A 25 1.29 -5.81 11.07
C THR A 25 0.46 -7.09 11.31
N TRP A 26 -0.22 -7.15 12.47
CA TRP A 26 -1.06 -8.32 12.82
C TRP A 26 -2.27 -8.48 11.86
N PRO A 27 -3.05 -7.39 11.55
CA PRO A 27 -4.19 -7.50 10.61
C PRO A 27 -3.75 -7.30 9.14
N PRO A 28 -4.61 -7.64 8.12
CA PRO A 28 -4.25 -7.47 6.70
C PRO A 28 -4.31 -6.00 6.27
N ARG A 29 -3.15 -5.45 5.87
CA ARG A 29 -3.05 -4.05 5.43
C ARG A 29 -2.05 -3.91 4.26
N TYR A 30 -2.45 -3.14 3.23
CA TYR A 30 -1.63 -2.88 2.04
C TYR A 30 -0.43 -1.95 2.36
N VAL A 31 0.56 -1.92 1.45
CA VAL A 31 1.75 -1.08 1.62
C VAL A 31 2.21 -0.51 0.28
N CYS A 32 2.78 0.69 0.32
CA CYS A 32 3.29 1.36 -0.88
C CYS A 32 4.79 1.65 -0.75
N SER A 33 5.55 1.21 -1.75
CA SER A 33 7.00 1.41 -1.76
C SER A 33 7.42 2.54 -2.70
N VAL A 34 6.42 3.35 -3.08
CA VAL A 34 6.56 4.52 -3.98
C VAL A 34 7.30 4.18 -5.30
#